data_5FJQ
#
_entry.id   5FJQ
#
_cell.length_a   91.500
_cell.length_b   50.170
_cell.length_c   114.530
_cell.angle_alpha   90.00
_cell.angle_beta   90.00
_cell.angle_gamma   90.00
#
_symmetry.space_group_name_H-M   'C 1 2 1'
#
loop_
_entity.id
_entity.type
_entity.pdbx_description
1 polymer 'CARBOHYDRATE BINDING PROTEIN, PUTATIVE, CPB33A'
2 non-polymer 'COPPER (II) ION'
3 water water
#
_entity_poly.entity_id   1
_entity_poly.type   'polypeptide(L)'
_entity_poly.pdbx_seq_one_letter_code
;HGYVSSPKSRVIQCKENGIENPTHPACIAAKAAGNGGLYTPQEVAVGGVRDNHDYYIPDGRLCSANRANLFGMDLARNDW
PATSVTPGAREFVWTNTAAHKTKYFRYYITPQGYDHSQPLRWSDLQLIHDSGPADQEWVSTHNVILPYRTGRHIIYSIWQ
RDWDRDAAEGFYQCIDVDFG
;
_entity_poly.pdbx_strand_id   A,B,C
#
# COMPACT_ATOMS: atom_id res chain seq x y z
N HIS A 1 -16.36 -22.12 -0.67
CA HIS A 1 -17.01 -21.38 -1.80
C HIS A 1 -16.76 -19.88 -1.79
N GLY A 2 -16.13 -19.42 -2.86
CA GLY A 2 -15.83 -18.03 -3.00
C GLY A 2 -15.07 -17.61 -4.25
N TYR A 3 -14.97 -16.28 -4.49
CA TYR A 3 -14.31 -15.76 -5.69
C TYR A 3 -13.67 -14.42 -5.35
N VAL A 4 -12.84 -13.84 -6.23
CA VAL A 4 -12.19 -12.53 -6.00
C VAL A 4 -13.09 -11.50 -6.63
N SER A 5 -13.55 -10.56 -5.78
CA SER A 5 -14.54 -9.61 -6.16
C SER A 5 -13.90 -8.27 -6.49
N SER A 6 -12.65 -8.08 -6.02
CA SER A 6 -11.95 -6.77 -6.06
C SER A 6 -10.42 -7.02 -6.01
N PRO A 7 -9.70 -6.81 -7.16
CA PRO A 7 -10.17 -6.47 -8.50
C PRO A 7 -11.04 -7.63 -9.01
N LYS A 8 -12.06 -7.34 -9.79
CA LYS A 8 -12.99 -8.37 -10.28
C LYS A 8 -12.20 -9.40 -11.07
N SER A 9 -12.40 -10.66 -10.70
CA SER A 9 -11.76 -11.78 -11.38
C SER A 9 -12.45 -11.86 -12.72
N ARG A 10 -11.82 -12.63 -13.59
CA ARG A 10 -12.29 -12.83 -14.97
C ARG A 10 -13.71 -13.42 -15.02
N VAL A 11 -14.02 -14.39 -14.12
CA VAL A 11 -15.39 -14.99 -14.07
C VAL A 11 -16.38 -13.85 -13.64
N ILE A 12 -15.89 -12.87 -12.89
CA ILE A 12 -16.81 -11.76 -12.38
C ILE A 12 -16.97 -10.60 -13.41
N GLN A 13 -15.85 -10.28 -14.04
CA GLN A 13 -15.85 -9.35 -15.16
C GLN A 13 -16.85 -9.84 -16.22
N CYS A 14 -16.68 -11.05 -16.62
CA CYS A 14 -17.62 -11.52 -17.68
C CYS A 14 -19.09 -11.77 -17.18
N LYS A 15 -19.27 -12.25 -15.95
CA LYS A 15 -20.61 -12.38 -15.39
C LYS A 15 -21.37 -11.08 -15.56
N GLU A 16 -20.72 -10.00 -15.16
CA GLU A 16 -21.36 -8.73 -15.06
C GLU A 16 -21.55 -8.10 -16.44
N ASN A 17 -20.77 -8.55 -17.42
CA ASN A 17 -20.96 -8.08 -18.79
C ASN A 17 -22.18 -8.81 -19.45
N GLY A 18 -22.73 -9.84 -18.77
CA GLY A 18 -23.92 -10.59 -19.32
C GLY A 18 -23.52 -11.98 -19.80
N ILE A 19 -24.03 -13.00 -19.11
CA ILE A 19 -23.63 -14.33 -19.37
C ILE A 19 -24.32 -14.82 -20.68
N GLU A 20 -25.61 -14.51 -20.84
CA GLU A 20 -26.36 -14.98 -22.02
C GLU A 20 -26.05 -14.16 -23.30
N ASN A 21 -25.94 -12.84 -23.13
CA ASN A 21 -25.79 -11.89 -24.22
C ASN A 21 -24.68 -10.90 -23.93
N PRO A 22 -23.45 -11.41 -23.78
CA PRO A 22 -22.35 -10.51 -23.48
C PRO A 22 -22.16 -9.52 -24.65
N THR A 23 -21.52 -8.40 -24.37
CA THR A 23 -21.26 -7.44 -25.42
C THR A 23 -19.78 -7.27 -25.60
N HIS A 24 -19.00 -7.68 -24.63
CA HIS A 24 -17.58 -7.39 -24.73
C HIS A 24 -16.93 -8.54 -25.56
N PRO A 25 -16.05 -8.22 -26.51
CA PRO A 25 -15.57 -9.27 -27.38
C PRO A 25 -14.93 -10.50 -26.68
N ALA A 26 -14.09 -10.32 -25.65
CA ALA A 26 -13.57 -11.50 -24.87
C ALA A 26 -14.67 -12.35 -24.22
N CYS A 27 -15.72 -11.73 -23.69
CA CYS A 27 -16.78 -12.51 -23.06
C CYS A 27 -17.67 -13.16 -24.11
N ILE A 28 -17.85 -12.50 -25.26
CA ILE A 28 -18.58 -13.11 -26.38
C ILE A 28 -17.81 -14.39 -26.76
N ALA A 29 -16.49 -14.27 -26.85
CA ALA A 29 -15.66 -15.48 -27.17
C ALA A 29 -15.83 -16.57 -26.04
N ALA A 30 -15.68 -16.14 -24.79
CA ALA A 30 -15.87 -17.03 -23.67
C ALA A 30 -17.25 -17.74 -23.73
N LYS A 31 -18.33 -17.03 -24.07
CA LYS A 31 -19.63 -17.72 -24.20
C LYS A 31 -19.56 -18.94 -25.14
N ALA A 32 -18.93 -18.77 -26.30
CA ALA A 32 -18.84 -19.78 -27.34
C ALA A 32 -17.98 -20.99 -26.87
N ALA A 33 -16.94 -20.73 -26.08
CA ALA A 33 -16.09 -21.80 -25.55
C ALA A 33 -16.63 -22.54 -24.26
N GLY A 34 -17.60 -21.96 -23.56
CA GLY A 34 -18.09 -22.58 -22.31
C GLY A 34 -18.12 -21.54 -21.21
N ASN A 35 -19.32 -20.99 -20.93
CA ASN A 35 -19.40 -20.01 -19.87
C ASN A 35 -20.62 -20.16 -18.93
N GLY A 36 -21.34 -21.28 -18.98
CA GLY A 36 -22.54 -21.32 -18.15
C GLY A 36 -22.12 -21.46 -16.67
N GLY A 37 -20.87 -21.85 -16.41
CA GLY A 37 -20.36 -21.73 -15.02
C GLY A 37 -20.26 -20.30 -14.48
N LEU A 38 -20.57 -19.29 -15.30
CA LEU A 38 -20.40 -17.91 -14.86
C LEU A 38 -21.47 -17.51 -13.88
N TYR A 39 -22.53 -18.30 -13.77
CA TYR A 39 -23.61 -18.09 -12.78
C TYR A 39 -23.14 -18.47 -11.37
N THR A 40 -22.05 -19.25 -11.30
CA THR A 40 -21.61 -19.81 -10.00
C THR A 40 -20.09 -19.57 -9.83
N PRO A 41 -19.68 -18.29 -9.88
CA PRO A 41 -18.29 -17.81 -9.77
C PRO A 41 -17.55 -18.31 -8.51
N GLN A 42 -18.31 -18.66 -7.48
CA GLN A 42 -17.82 -19.14 -6.17
C GLN A 42 -17.35 -20.62 -6.16
N GLU A 43 -17.60 -21.28 -7.30
CA GLU A 43 -17.45 -22.68 -7.47
C GLU A 43 -16.38 -23.07 -8.50
N VAL A 44 -15.33 -22.29 -8.66
CA VAL A 44 -14.31 -22.69 -9.62
C VAL A 44 -13.41 -23.55 -8.76
N ALA A 45 -13.82 -24.82 -8.62
CA ALA A 45 -13.44 -25.64 -7.44
C ALA A 45 -12.87 -26.97 -7.84
N VAL A 46 -11.98 -27.51 -7.03
CA VAL A 46 -11.51 -28.90 -7.24
C VAL A 46 -11.58 -29.60 -5.92
N GLY A 47 -12.35 -30.69 -5.84
CA GLY A 47 -12.40 -31.48 -4.60
C GLY A 47 -11.19 -32.40 -4.46
N GLY A 48 -10.76 -32.65 -3.23
CA GLY A 48 -9.66 -33.54 -2.91
C GLY A 48 -8.27 -32.94 -2.94
N VAL A 49 -8.14 -31.65 -3.25
CA VAL A 49 -6.81 -31.09 -3.49
C VAL A 49 -6.14 -30.75 -2.16
N ARG A 50 -4.86 -31.12 -2.03
CA ARG A 50 -4.09 -30.92 -0.80
C ARG A 50 -2.73 -30.31 -1.20
N ASP A 51 -2.76 -29.02 -1.54
CA ASP A 51 -1.58 -28.26 -1.97
C ASP A 51 -0.82 -28.89 -3.19
N ASN A 52 -1.60 -29.54 -4.09
CA ASN A 52 -1.04 -30.23 -5.24
C ASN A 52 -1.91 -29.95 -6.46
N HIS A 53 -2.19 -28.67 -6.65
CA HIS A 53 -3.15 -28.17 -7.63
C HIS A 53 -2.79 -28.55 -9.03
N ASP A 54 -1.50 -28.67 -9.31
CA ASP A 54 -1.10 -28.98 -10.69
C ASP A 54 -1.38 -30.41 -11.11
N TYR A 55 -1.54 -31.31 -10.15
CA TYR A 55 -1.97 -32.67 -10.48
C TYR A 55 -3.40 -32.69 -11.06
N TYR A 56 -4.31 -31.93 -10.43
CA TYR A 56 -5.72 -31.94 -10.77
C TYR A 56 -6.07 -31.01 -11.95
N ILE A 57 -5.36 -29.86 -12.06
CA ILE A 57 -5.59 -28.88 -13.13
C ILE A 57 -4.52 -28.89 -14.24
N PRO A 58 -4.92 -29.27 -15.48
CA PRO A 58 -3.94 -29.33 -16.62
C PRO A 58 -3.45 -27.93 -16.97
N ASP A 59 -2.26 -27.76 -17.52
CA ASP A 59 -1.94 -26.41 -18.07
C ASP A 59 -3.03 -25.98 -19.08
N GLY A 60 -3.24 -24.69 -19.24
CA GLY A 60 -4.28 -24.24 -20.15
C GLY A 60 -5.66 -24.34 -19.55
N ARG A 61 -5.77 -24.88 -18.31
CA ARG A 61 -7.07 -24.98 -17.60
C ARG A 61 -7.09 -24.30 -16.17
N LEU A 62 -6.17 -23.35 -15.94
CA LEU A 62 -5.99 -22.80 -14.66
C LEU A 62 -7.23 -21.93 -14.36
N CYS A 63 -7.71 -21.21 -15.36
CA CYS A 63 -8.84 -20.32 -15.12
C CYS A 63 -10.21 -20.99 -14.98
N SER A 64 -10.40 -22.16 -15.57
CA SER A 64 -11.65 -22.93 -15.43
C SER A 64 -11.56 -23.99 -14.33
N ALA A 65 -10.38 -24.10 -13.71
CA ALA A 65 -10.06 -25.22 -12.81
C ALA A 65 -10.48 -26.53 -13.52
N ASN A 66 -10.40 -26.54 -14.85
CA ASN A 66 -10.72 -27.69 -15.72
C ASN A 66 -12.21 -28.07 -15.74
N ARG A 67 -13.07 -27.09 -15.44
CA ARG A 67 -14.49 -27.28 -15.51
C ARG A 67 -15.02 -26.79 -16.85
N ALA A 68 -15.77 -27.63 -17.58
CA ALA A 68 -16.06 -27.29 -18.97
C ALA A 68 -16.94 -26.03 -19.15
N ASN A 69 -17.90 -25.85 -18.25
CA ASN A 69 -18.80 -24.70 -18.32
C ASN A 69 -18.04 -23.34 -18.00
N LEU A 70 -16.71 -23.38 -17.88
CA LEU A 70 -15.87 -22.18 -17.74
C LEU A 70 -14.67 -22.21 -18.72
N PHE A 71 -14.66 -23.17 -19.61
CA PHE A 71 -13.60 -23.27 -20.63
C PHE A 71 -13.38 -21.95 -21.42
N GLY A 72 -14.39 -21.05 -21.42
CA GLY A 72 -14.32 -19.76 -22.09
C GLY A 72 -13.27 -18.90 -21.36
N MET A 73 -13.17 -19.14 -20.05
CA MET A 73 -12.18 -18.52 -19.15
C MET A 73 -10.74 -18.87 -19.45
N ASP A 74 -10.53 -19.92 -20.27
CA ASP A 74 -9.21 -20.41 -20.56
C ASP A 74 -8.57 -19.80 -21.78
N LEU A 75 -9.32 -18.92 -22.45
CA LEU A 75 -8.87 -18.34 -23.76
C LEU A 75 -7.73 -17.33 -23.55
N ALA A 76 -6.64 -17.39 -24.33
CA ALA A 76 -5.57 -16.36 -24.36
C ALA A 76 -6.05 -15.09 -25.11
N ARG A 77 -6.20 -13.97 -24.43
CA ARG A 77 -6.67 -12.75 -25.05
C ARG A 77 -5.97 -11.63 -24.36
N ASN A 78 -5.63 -10.58 -25.11
CA ASN A 78 -4.99 -9.37 -24.56
C ASN A 78 -6.07 -8.35 -24.34
N ASP A 79 -7.32 -8.77 -24.42
CA ASP A 79 -8.43 -7.79 -24.25
C ASP A 79 -9.42 -8.15 -23.14
N TRP A 80 -9.00 -9.04 -22.25
CA TRP A 80 -9.89 -9.35 -21.11
C TRP A 80 -10.20 -8.07 -20.39
N PRO A 81 -11.46 -7.89 -19.90
CA PRO A 81 -11.66 -6.68 -19.07
C PRO A 81 -10.72 -6.64 -17.87
N ALA A 82 -9.94 -5.58 -17.68
CA ALA A 82 -8.91 -5.63 -16.69
C ALA A 82 -8.98 -4.40 -15.77
N THR A 83 -8.49 -4.55 -14.56
CA THR A 83 -8.40 -3.46 -13.63
C THR A 83 -7.03 -2.79 -13.68
N SER A 84 -7.01 -1.48 -13.69
CA SER A 84 -5.72 -0.78 -13.72
C SER A 84 -5.01 -0.97 -12.41
N VAL A 85 -3.76 -1.41 -12.49
CA VAL A 85 -2.97 -1.52 -11.27
C VAL A 85 -1.61 -0.81 -11.47
N THR A 86 -0.87 -0.65 -10.36
CA THR A 86 0.51 -0.22 -10.36
C THR A 86 1.33 -1.06 -9.38
N PRO A 87 2.70 -1.02 -9.52
CA PRO A 87 3.53 -1.79 -8.60
C PRO A 87 3.33 -1.30 -7.20
N GLY A 88 3.49 -2.20 -6.24
CA GLY A 88 3.14 -1.93 -4.87
C GLY A 88 1.88 -2.58 -4.33
N ALA A 89 1.47 -2.14 -3.16
CA ALA A 89 0.40 -2.81 -2.44
C ALA A 89 -0.91 -2.63 -3.19
N ARG A 90 -1.63 -3.74 -3.36
CA ARG A 90 -3.00 -3.67 -3.90
C ARG A 90 -3.88 -4.63 -3.07
N GLU A 91 -4.99 -4.16 -2.51
CA GLU A 91 -5.92 -5.13 -1.89
C GLU A 91 -6.65 -6.04 -2.94
N PHE A 92 -6.69 -7.31 -2.59
CA PHE A 92 -7.44 -8.38 -3.26
C PHE A 92 -8.42 -8.98 -2.27
N VAL A 93 -9.65 -9.13 -2.71
CA VAL A 93 -10.67 -9.45 -1.76
C VAL A 93 -11.38 -10.64 -2.31
N TRP A 94 -11.56 -11.65 -1.45
CA TRP A 94 -12.33 -12.85 -1.81
C TRP A 94 -13.67 -12.68 -1.11
N THR A 95 -14.74 -12.72 -1.89
CA THR A 95 -16.07 -12.79 -1.32
C THR A 95 -16.44 -14.26 -1.29
N ASN A 96 -16.53 -14.77 -0.07
CA ASN A 96 -16.84 -16.13 0.19
C ASN A 96 -18.32 -16.37 0.40
N THR A 97 -18.93 -17.23 -0.41
CA THR A 97 -20.35 -17.54 -0.23
C THR A 97 -20.52 -18.57 0.85
N ALA A 98 -19.55 -19.49 0.96
CA ALA A 98 -19.52 -20.41 2.06
C ALA A 98 -18.10 -20.40 2.62
N ALA A 99 -17.95 -19.95 3.86
CA ALA A 99 -16.64 -19.93 4.54
C ALA A 99 -16.05 -21.34 4.79
N HIS A 100 -14.72 -21.42 4.90
CA HIS A 100 -14.06 -22.66 5.18
C HIS A 100 -12.83 -22.35 6.04
N LYS A 101 -12.30 -23.38 6.75
CA LYS A 101 -11.01 -23.27 7.42
C LYS A 101 -9.99 -23.28 6.28
N THR A 102 -8.97 -22.43 6.38
CA THR A 102 -8.06 -22.10 5.25
C THR A 102 -6.63 -22.49 5.62
N LYS A 103 -5.99 -23.25 4.74
CA LYS A 103 -4.55 -23.49 4.78
C LYS A 103 -3.83 -22.24 4.25
N TYR A 104 -4.36 -21.67 3.17
CA TYR A 104 -3.83 -20.40 2.60
C TYR A 104 -4.63 -19.79 1.46
N PHE A 105 -4.47 -18.50 1.28
CA PHE A 105 -4.79 -17.89 -0.04
C PHE A 105 -3.45 -17.53 -0.62
N ARG A 106 -3.23 -17.96 -1.86
CA ARG A 106 -2.02 -17.58 -2.56
C ARG A 106 -2.28 -16.83 -3.85
N TYR A 107 -1.40 -15.87 -4.12
CA TYR A 107 -1.41 -15.21 -5.40
C TYR A 107 -0.15 -15.41 -6.20
N TYR A 108 -0.36 -15.50 -7.51
CA TYR A 108 0.73 -15.64 -8.51
C TYR A 108 0.50 -14.60 -9.57
N ILE A 109 1.55 -14.38 -10.36
CA ILE A 109 1.49 -13.43 -11.49
C ILE A 109 2.37 -13.94 -12.64
N THR A 110 1.94 -13.60 -13.87
CA THR A 110 2.69 -13.65 -15.08
C THR A 110 3.99 -12.78 -15.06
N PRO A 111 4.97 -13.16 -15.89
CA PRO A 111 6.24 -12.44 -15.93
C PRO A 111 6.13 -11.23 -16.82
N GLN A 112 6.98 -10.24 -16.56
CA GLN A 112 7.18 -9.16 -17.49
C GLN A 112 7.43 -9.71 -18.91
N GLY A 113 6.81 -9.05 -19.89
CA GLY A 113 6.80 -9.58 -21.26
C GLY A 113 5.66 -10.50 -21.64
N TYR A 114 4.91 -11.03 -20.68
CA TYR A 114 3.82 -11.96 -20.97
C TYR A 114 2.96 -11.46 -22.13
N ASP A 115 2.66 -12.34 -23.09
CA ASP A 115 2.03 -11.87 -24.33
C ASP A 115 0.64 -12.43 -24.64
N HIS A 116 0.01 -13.16 -23.72
CA HIS A 116 -1.41 -13.54 -23.89
C HIS A 116 -1.69 -14.34 -25.13
N SER A 117 -0.68 -15.07 -25.60
CA SER A 117 -0.80 -15.76 -26.86
C SER A 117 -1.18 -17.23 -26.69
N GLN A 118 -0.85 -17.80 -25.52
CA GLN A 118 -1.21 -19.18 -25.18
C GLN A 118 -2.06 -19.16 -23.90
N PRO A 119 -2.95 -20.14 -23.74
CA PRO A 119 -3.52 -20.36 -22.41
C PRO A 119 -2.51 -20.50 -21.28
N LEU A 120 -3.00 -20.15 -20.12
CA LEU A 120 -2.17 -19.93 -18.92
C LEU A 120 -1.66 -21.30 -18.47
N ARG A 121 -0.36 -21.40 -18.18
CA ARG A 121 0.26 -22.62 -17.72
C ARG A 121 0.81 -22.40 -16.30
N TRP A 122 0.93 -23.49 -15.57
CA TRP A 122 1.57 -23.43 -14.28
C TRP A 122 2.97 -22.77 -14.33
N SER A 123 3.77 -23.12 -15.35
CA SER A 123 5.12 -22.59 -15.48
C SER A 123 5.12 -21.03 -15.71
N ASP A 124 3.97 -20.45 -16.01
CA ASP A 124 3.84 -18.99 -16.23
C ASP A 124 3.73 -18.12 -14.95
N LEU A 125 3.66 -18.76 -13.78
CA LEU A 125 3.23 -18.12 -12.55
C LEU A 125 4.40 -18.03 -11.59
N GLN A 126 4.56 -16.86 -11.04
CA GLN A 126 5.53 -16.60 -9.99
C GLN A 126 4.72 -16.34 -8.73
N LEU A 127 5.06 -16.98 -7.60
CA LEU A 127 4.42 -16.61 -6.31
C LEU A 127 4.61 -15.15 -5.85
N ILE A 128 3.50 -14.45 -5.59
CA ILE A 128 3.66 -13.11 -5.16
C ILE A 128 3.06 -12.83 -3.76
N HIS A 129 2.26 -13.79 -3.26
CA HIS A 129 1.66 -13.64 -1.95
C HIS A 129 1.19 -14.97 -1.38
N ASP A 130 1.33 -15.08 -0.05
CA ASP A 130 0.81 -16.23 0.69
C ASP A 130 0.24 -15.69 1.99
N SER A 131 -1.05 -15.95 2.17
CA SER A 131 -1.71 -15.33 3.25
C SER A 131 -1.58 -16.14 4.52
N GLY A 132 -1.04 -17.34 4.48
CA GLY A 132 -1.06 -18.11 5.71
C GLY A 132 -2.48 -18.59 6.03
N PRO A 133 -2.60 -19.54 6.99
CA PRO A 133 -3.88 -20.18 7.32
C PRO A 133 -4.84 -19.16 7.96
N ALA A 134 -6.10 -19.54 8.00
CA ALA A 134 -7.13 -18.67 8.58
C ALA A 134 -8.25 -19.51 9.12
N ASP A 135 -9.02 -18.96 10.06
CA ASP A 135 -10.35 -19.56 10.28
C ASP A 135 -11.35 -19.09 9.20
N GLN A 136 -12.64 -19.41 9.41
CA GLN A 136 -13.64 -19.10 8.39
C GLN A 136 -13.79 -17.63 8.34
N GLU A 137 -13.98 -17.09 7.15
CA GLU A 137 -14.05 -15.69 6.89
C GLU A 137 -15.09 -15.52 5.85
N TRP A 138 -16.05 -14.64 6.09
CA TRP A 138 -16.96 -14.31 5.04
C TRP A 138 -16.30 -13.52 3.94
N VAL A 139 -15.30 -12.72 4.32
CA VAL A 139 -14.58 -11.92 3.37
C VAL A 139 -13.12 -12.07 3.72
N SER A 140 -12.30 -12.30 2.71
CA SER A 140 -10.88 -12.59 2.93
C SER A 140 -10.09 -11.55 2.19
N THR A 141 -9.31 -10.76 2.91
CA THR A 141 -8.60 -9.67 2.29
C THR A 141 -7.09 -9.85 2.37
N HIS A 142 -6.44 -9.72 1.22
CA HIS A 142 -5.02 -9.90 1.14
C HIS A 142 -4.42 -8.68 0.46
N ASN A 143 -3.55 -7.96 1.17
CA ASN A 143 -2.87 -6.88 0.55
C ASN A 143 -1.61 -7.32 -0.18
N VAL A 144 -1.71 -7.56 -1.48
CA VAL A 144 -0.71 -8.33 -2.26
C VAL A 144 0.25 -7.29 -2.72
N ILE A 145 1.56 -7.53 -2.61
CA ILE A 145 2.47 -6.54 -3.13
C ILE A 145 2.74 -6.88 -4.62
N LEU A 146 2.27 -6.02 -5.53
CA LEU A 146 2.47 -6.25 -6.98
C LEU A 146 3.90 -5.89 -7.33
N PRO A 147 4.60 -6.81 -8.02
CA PRO A 147 5.96 -6.50 -8.41
C PRO A 147 6.00 -5.50 -9.57
N TYR A 148 7.17 -4.95 -9.90
CA TYR A 148 7.25 -4.12 -11.12
C TYR A 148 6.81 -4.91 -12.36
N ARG A 149 5.82 -4.37 -13.08
CA ARG A 149 5.38 -4.88 -14.36
C ARG A 149 4.95 -3.69 -15.21
N THR A 150 4.86 -3.87 -16.53
CA THR A 150 4.11 -2.98 -17.40
C THR A 150 3.20 -3.93 -18.19
N GLY A 151 2.13 -3.42 -18.79
CA GLY A 151 1.38 -4.27 -19.71
C GLY A 151 0.33 -4.96 -18.93
N ARG A 152 -0.40 -5.82 -19.62
CA ARG A 152 -1.48 -6.54 -19.06
C ARG A 152 -0.97 -7.83 -18.49
N HIS A 153 -1.48 -8.21 -17.33
CA HIS A 153 -1.01 -9.38 -16.66
C HIS A 153 -2.15 -10.20 -16.13
N ILE A 154 -1.86 -11.49 -15.87
CA ILE A 154 -2.80 -12.33 -15.20
C ILE A 154 -2.29 -12.58 -13.82
N ILE A 155 -3.23 -12.42 -12.89
CA ILE A 155 -3.02 -12.86 -11.53
C ILE A 155 -3.87 -14.12 -11.28
N TYR A 156 -3.23 -15.10 -10.63
CA TYR A 156 -3.91 -16.31 -10.26
C TYR A 156 -3.93 -16.37 -8.74
N SER A 157 -5.11 -16.17 -8.13
CA SER A 157 -5.29 -16.53 -6.73
C SER A 157 -5.85 -17.92 -6.49
N ILE A 158 -5.35 -18.60 -5.45
CA ILE A 158 -5.75 -19.93 -5.16
C ILE A 158 -6.07 -20.01 -3.69
N TRP A 159 -7.23 -20.57 -3.41
CA TRP A 159 -7.69 -20.76 -2.04
C TRP A 159 -7.63 -22.21 -1.69
N GLN A 160 -6.74 -22.54 -0.74
CA GLN A 160 -6.59 -23.92 -0.26
C GLN A 160 -7.33 -24.02 1.11
N ARG A 161 -8.44 -24.77 1.08
CA ARG A 161 -9.26 -25.15 2.24
C ARG A 161 -8.39 -26.08 3.12
N ASP A 162 -8.46 -25.91 4.44
CA ASP A 162 -7.55 -26.64 5.34
C ASP A 162 -7.96 -28.09 5.51
N TRP A 163 -7.23 -29.03 4.88
CA TRP A 163 -7.73 -30.40 4.87
C TRP A 163 -7.49 -31.10 6.22
N ASP A 164 -6.61 -30.55 7.05
CA ASP A 164 -6.39 -31.14 8.39
C ASP A 164 -7.48 -30.72 9.32
N ARG A 165 -8.12 -29.59 9.04
CA ARG A 165 -9.02 -29.03 10.01
C ARG A 165 -10.44 -29.14 9.53
N ASP A 166 -10.64 -29.63 8.32
CA ASP A 166 -11.87 -29.33 7.61
C ASP A 166 -12.12 -30.24 6.44
N ALA A 167 -11.63 -29.89 5.24
CA ALA A 167 -11.77 -30.72 4.04
C ALA A 167 -10.77 -30.22 2.98
N ALA A 168 -10.40 -31.12 2.08
CA ALA A 168 -9.47 -30.87 0.99
C ALA A 168 -10.27 -30.29 -0.16
N GLU A 169 -9.95 -29.11 -0.61
CA GLU A 169 -10.66 -28.53 -1.74
C GLU A 169 -9.89 -27.28 -2.09
N GLY A 170 -9.93 -26.96 -3.39
CA GLY A 170 -9.21 -25.81 -3.95
C GLY A 170 -10.22 -24.93 -4.69
N PHE A 171 -10.05 -23.60 -4.57
CA PHE A 171 -10.75 -22.62 -5.41
C PHE A 171 -9.77 -21.72 -6.18
N TYR A 172 -10.13 -21.46 -7.44
CA TYR A 172 -9.17 -20.89 -8.38
C TYR A 172 -9.70 -19.68 -9.14
N GLN A 173 -8.98 -18.55 -9.03
CA GLN A 173 -9.40 -17.36 -9.69
C GLN A 173 -8.35 -16.61 -10.44
N CYS A 174 -8.53 -16.60 -11.76
CA CYS A 174 -7.79 -15.74 -12.69
C CYS A 174 -8.38 -14.35 -12.68
N ILE A 175 -7.49 -13.35 -12.49
CA ILE A 175 -7.84 -11.90 -12.42
C ILE A 175 -6.98 -11.21 -13.51
N ASP A 176 -7.60 -10.36 -14.36
CA ASP A 176 -6.82 -9.59 -15.34
C ASP A 176 -6.53 -8.16 -14.87
N VAL A 177 -5.27 -7.74 -14.95
CA VAL A 177 -4.87 -6.41 -14.44
C VAL A 177 -4.04 -5.69 -15.51
N ASP A 178 -3.98 -4.36 -15.43
CA ASP A 178 -3.20 -3.67 -16.44
C ASP A 178 -2.28 -2.68 -15.78
N PHE A 179 -0.98 -2.95 -15.90
CA PHE A 179 0.03 -2.06 -15.32
C PHE A 179 0.27 -0.77 -16.09
N GLY A 180 -0.42 -0.58 -17.21
CA GLY A 180 -0.24 0.56 -18.11
C GLY A 180 1.10 0.66 -18.81
N HIS B 1 3.25 -5.88 22.73
CA HIS B 1 4.70 -5.90 22.87
C HIS B 1 5.16 -7.21 22.11
N GLY B 2 6.23 -7.12 21.33
CA GLY B 2 6.64 -8.29 20.50
C GLY B 2 7.89 -8.02 19.70
N TYR B 3 8.53 -9.05 19.20
CA TYR B 3 9.75 -8.89 18.43
C TYR B 3 9.79 -9.99 17.36
N VAL B 4 10.61 -9.76 16.32
CA VAL B 4 10.75 -10.80 15.36
C VAL B 4 11.76 -11.84 15.89
N SER B 5 11.28 -13.08 16.13
CA SER B 5 12.08 -14.16 16.72
C SER B 5 12.64 -15.08 15.64
N SER B 6 12.01 -15.11 14.47
CA SER B 6 12.48 -15.88 13.34
C SER B 6 12.18 -15.26 11.94
N PRO B 7 13.24 -14.96 11.11
CA PRO B 7 14.67 -14.92 11.48
C PRO B 7 14.91 -13.97 12.67
N LYS B 8 15.80 -14.32 13.60
CA LYS B 8 16.11 -13.42 14.75
C LYS B 8 16.42 -11.97 14.29
N SER B 9 15.61 -10.99 14.77
CA SER B 9 15.95 -9.55 14.59
C SER B 9 17.26 -9.10 15.25
N ARG B 10 17.72 -7.96 14.86
CA ARG B 10 18.98 -7.46 15.33
C ARG B 10 19.00 -7.29 16.86
N VAL B 11 17.94 -6.69 17.45
CA VAL B 11 17.85 -6.77 18.91
C VAL B 11 18.04 -8.17 19.45
N ILE B 12 17.29 -9.15 18.93
CA ILE B 12 17.44 -10.49 19.44
C ILE B 12 18.84 -11.06 19.22
N GLN B 13 19.45 -10.68 18.13
CA GLN B 13 20.73 -11.36 17.78
C GLN B 13 21.79 -10.79 18.72
N CYS B 14 21.74 -9.49 19.00
CA CYS B 14 22.76 -8.98 19.92
C CYS B 14 22.40 -9.34 21.37
N LYS B 15 21.11 -9.49 21.69
CA LYS B 15 20.70 -9.88 23.08
C LYS B 15 21.38 -11.23 23.39
N GLU B 16 21.16 -12.18 22.50
CA GLU B 16 21.73 -13.50 22.56
C GLU B 16 23.23 -13.53 22.53
N ASN B 17 23.86 -12.53 21.91
CA ASN B 17 25.32 -12.47 21.91
C ASN B 17 25.92 -12.10 23.29
N GLY B 18 25.11 -11.63 24.26
CA GLY B 18 25.63 -11.10 25.55
C GLY B 18 25.61 -9.58 25.61
N ILE B 19 24.71 -9.04 26.42
CA ILE B 19 24.41 -7.64 26.41
C ILE B 19 25.50 -6.87 27.19
N GLU B 20 26.01 -7.48 28.27
CA GLU B 20 27.03 -6.83 29.10
C GLU B 20 28.40 -7.16 28.57
N ASN B 21 28.56 -8.36 28.04
CA ASN B 21 29.90 -8.79 27.56
C ASN B 21 29.85 -9.39 26.13
N PRO B 22 29.51 -8.53 25.14
CA PRO B 22 29.33 -9.04 23.81
C PRO B 22 30.65 -9.58 23.21
N THR B 23 30.56 -10.61 22.40
CA THR B 23 31.74 -11.14 21.71
C THR B 23 31.75 -10.76 20.23
N HIS B 24 30.59 -10.52 19.64
CA HIS B 24 30.53 -10.21 18.21
C HIS B 24 30.83 -8.72 17.95
N PRO B 25 31.79 -8.38 17.03
CA PRO B 25 32.18 -6.98 16.77
C PRO B 25 31.01 -5.98 16.58
N ALA B 26 29.92 -6.36 15.92
CA ALA B 26 28.77 -5.44 15.78
C ALA B 26 28.07 -5.21 17.11
N CYS B 27 27.95 -6.28 17.87
CA CYS B 27 27.27 -6.20 19.17
C CYS B 27 28.19 -5.43 20.16
N ILE B 28 29.48 -5.69 20.11
CA ILE B 28 30.43 -4.80 20.80
C ILE B 28 30.22 -3.29 20.47
N ALA B 29 30.23 -2.91 19.19
CA ALA B 29 30.09 -1.51 18.83
C ALA B 29 28.72 -0.94 19.30
N ALA B 30 27.66 -1.72 19.15
CA ALA B 30 26.33 -1.33 19.62
C ALA B 30 26.31 -0.96 21.11
N LYS B 31 27.06 -1.75 21.89
CA LYS B 31 27.13 -1.60 23.33
C LYS B 31 27.69 -0.25 23.62
N ALA B 32 28.80 0.06 22.94
CA ALA B 32 29.40 1.37 23.04
C ALA B 32 28.38 2.47 22.66
N ALA B 33 27.51 2.21 21.67
CA ALA B 33 26.62 3.30 21.23
C ALA B 33 25.32 3.34 22.02
N GLY B 34 25.03 2.32 22.82
CA GLY B 34 23.70 2.22 23.48
C GLY B 34 23.00 0.87 23.23
N ASN B 35 22.86 0.04 24.27
CA ASN B 35 22.24 -1.26 24.13
C ASN B 35 21.52 -1.69 25.41
N GLY B 36 21.32 -0.77 26.37
CA GLY B 36 20.61 -1.11 27.62
C GLY B 36 19.26 -1.73 27.23
N GLY B 37 18.83 -1.38 26.06
CA GLY B 37 17.46 -1.77 25.70
C GLY B 37 17.33 -3.15 25.26
N LEU B 38 18.47 -3.85 25.02
CA LEU B 38 18.43 -5.19 24.54
C LEU B 38 17.74 -6.17 25.47
N TYR B 39 17.56 -5.83 26.74
CA TYR B 39 16.85 -6.78 27.61
C TYR B 39 15.37 -6.87 27.26
N THR B 40 14.91 -5.82 26.56
CA THR B 40 13.47 -5.61 26.26
C THR B 40 13.23 -5.47 24.74
N PRO B 41 13.67 -6.47 23.97
CA PRO B 41 13.49 -6.39 22.50
C PRO B 41 12.02 -6.28 22.12
N GLN B 42 11.13 -6.69 23.04
CA GLN B 42 9.68 -6.65 22.74
C GLN B 42 9.14 -5.28 22.69
N GLU B 43 9.97 -4.31 23.10
CA GLU B 43 9.47 -2.94 23.21
C GLU B 43 10.36 -1.96 22.46
N VAL B 44 10.54 -2.22 21.16
CA VAL B 44 11.16 -1.22 20.24
C VAL B 44 10.00 -0.48 19.68
N ALA B 45 9.42 0.34 20.55
CA ALA B 45 8.07 0.91 20.38
C ALA B 45 8.00 2.44 20.28
N VAL B 46 6.92 2.95 19.65
CA VAL B 46 6.64 4.40 19.68
C VAL B 46 5.19 4.51 20.07
N GLY B 47 4.92 5.34 21.05
CA GLY B 47 3.54 5.56 21.47
C GLY B 47 2.82 6.58 20.57
N GLY B 48 1.58 6.25 20.19
CA GLY B 48 0.67 7.23 19.55
C GLY B 48 0.67 7.18 18.03
N VAL B 49 1.49 6.28 17.44
CA VAL B 49 1.62 6.19 16.00
C VAL B 49 0.35 5.69 15.34
N ARG B 50 0.00 6.34 14.22
CA ARG B 50 -1.17 5.93 13.44
C ARG B 50 -0.82 5.97 11.97
N ASP B 51 -0.01 5.01 11.52
CA ASP B 51 0.25 4.85 10.12
C ASP B 51 1.01 6.00 9.51
N ASN B 52 1.93 6.52 10.30
CA ASN B 52 2.66 7.74 10.03
C ASN B 52 3.98 7.54 10.70
N HIS B 53 4.60 6.34 10.54
CA HIS B 53 5.88 6.09 11.22
C HIS B 53 6.99 7.10 10.99
N ASP B 54 7.03 7.64 9.76
CA ASP B 54 8.12 8.51 9.37
C ASP B 54 8.07 9.90 10.07
N TYR B 55 6.90 10.26 10.58
CA TYR B 55 6.89 11.43 11.39
C TYR B 55 7.59 11.14 12.76
N TYR B 56 7.43 9.95 13.30
CA TYR B 56 7.95 9.74 14.65
C TYR B 56 9.39 9.24 14.62
N ILE B 57 9.77 8.64 13.49
CA ILE B 57 11.12 7.98 13.38
C ILE B 57 11.96 8.66 12.32
N PRO B 58 12.98 9.41 12.77
CA PRO B 58 13.77 10.08 11.77
C PRO B 58 14.72 9.05 11.15
N ASP B 59 15.14 9.37 9.94
CA ASP B 59 16.22 8.65 9.27
C ASP B 59 17.37 8.42 10.21
N GLY B 60 18.05 7.30 10.01
CA GLY B 60 19.15 6.89 10.86
C GLY B 60 18.74 6.37 12.22
N ARG B 61 17.47 6.48 12.60
CA ARG B 61 16.94 5.94 13.88
C ARG B 61 15.84 4.85 13.69
N LEU B 62 15.79 4.17 12.54
CA LEU B 62 14.72 3.18 12.33
C LEU B 62 14.82 1.91 13.24
N CYS B 63 16.01 1.26 13.28
CA CYS B 63 16.21 0.12 14.16
C CYS B 63 16.09 0.38 15.63
N SER B 64 16.33 1.64 16.10
CA SER B 64 16.16 1.93 17.47
C SER B 64 14.79 2.57 17.76
N ALA B 65 13.95 2.82 16.73
CA ALA B 65 12.73 3.67 16.94
C ALA B 65 13.11 4.97 17.71
N ASN B 66 14.33 5.45 17.54
CA ASN B 66 14.75 6.69 18.22
C ASN B 66 14.80 6.57 19.78
N ARG B 67 15.11 5.37 20.31
CA ARG B 67 15.25 5.18 21.77
C ARG B 67 16.70 5.03 22.11
N ALA B 68 17.18 5.91 22.99
CA ALA B 68 18.62 6.05 23.15
C ALA B 68 19.31 4.76 23.59
N ASN B 69 18.69 4.08 24.54
CA ASN B 69 19.27 2.86 25.04
C ASN B 69 19.30 1.73 23.91
N LEU B 70 18.91 2.13 22.69
CA LEU B 70 18.99 1.22 21.53
C LEU B 70 19.78 1.83 20.35
N PHE B 71 20.52 2.94 20.55
CA PHE B 71 21.11 3.61 19.41
C PHE B 71 22.16 2.75 18.71
N GLY B 72 22.77 1.83 19.45
CA GLY B 72 23.80 0.95 18.87
C GLY B 72 23.19 0.11 17.75
N MET B 73 21.86 0.01 17.76
CA MET B 73 21.12 -0.72 16.69
C MET B 73 21.12 0.04 15.37
N ASP B 74 21.46 1.33 15.43
CA ASP B 74 21.40 2.17 14.25
C ASP B 74 22.74 2.26 13.56
N LEU B 75 23.75 1.59 14.11
CA LEU B 75 25.07 1.54 13.43
C LEU B 75 25.01 1.01 12.03
N ALA B 76 25.79 1.59 11.12
CA ALA B 76 25.76 1.16 9.76
C ALA B 76 26.96 0.17 9.76
N ARG B 77 26.68 -1.06 9.43
CA ARG B 77 27.67 -2.17 9.55
C ARG B 77 27.32 -3.28 8.62
N ASN B 78 28.34 -3.88 7.98
CA ASN B 78 28.18 -5.00 7.05
C ASN B 78 28.33 -6.38 7.69
N ASP B 79 28.38 -6.43 9.02
CA ASP B 79 28.75 -7.66 9.73
C ASP B 79 27.75 -8.03 10.79
N TRP B 80 26.60 -7.36 10.85
CA TRP B 80 25.63 -7.75 11.87
C TRP B 80 25.31 -9.25 11.80
N PRO B 81 25.03 -9.93 12.95
CA PRO B 81 24.61 -11.32 12.79
C PRO B 81 23.39 -11.43 11.89
N ALA B 82 23.44 -12.37 10.98
CA ALA B 82 22.44 -12.48 9.88
C ALA B 82 21.95 -13.95 9.62
N THR B 83 20.69 -14.08 9.23
CA THR B 83 20.13 -15.39 8.84
C THR B 83 20.28 -15.52 7.32
N SER B 84 20.79 -16.69 6.87
CA SER B 84 20.68 -17.08 5.51
C SER B 84 19.25 -17.14 5.12
N VAL B 85 19.00 -16.57 3.95
CA VAL B 85 17.72 -16.73 3.32
C VAL B 85 17.92 -16.79 1.86
N THR B 86 16.92 -17.39 1.16
CA THR B 86 16.87 -17.24 -0.30
C THR B 86 15.66 -16.38 -0.79
N PRO B 87 15.67 -15.99 -2.07
CA PRO B 87 14.46 -15.39 -2.60
C PRO B 87 13.24 -16.38 -2.53
N GLY B 88 12.05 -15.82 -2.43
CA GLY B 88 10.84 -16.60 -2.33
C GLY B 88 10.25 -16.49 -0.91
N ALA B 89 9.15 -17.18 -0.67
CA ALA B 89 8.49 -17.19 0.62
C ALA B 89 9.45 -17.58 1.74
N ARG B 90 9.30 -16.89 2.86
CA ARG B 90 10.11 -17.06 4.06
C ARG B 90 9.22 -16.64 5.18
N GLU B 91 9.03 -17.56 6.16
CA GLU B 91 8.18 -17.27 7.28
C GLU B 91 8.99 -16.33 8.11
N PHE B 92 8.33 -15.25 8.53
CA PHE B 92 8.86 -14.33 9.51
C PHE B 92 7.88 -14.42 10.66
N VAL B 93 8.41 -14.46 11.89
CA VAL B 93 7.58 -14.72 13.11
C VAL B 93 7.85 -13.64 14.18
N TRP B 94 6.76 -12.94 14.52
CA TRP B 94 6.71 -12.12 15.68
C TRP B 94 6.34 -12.99 16.84
N THR B 95 7.20 -13.00 17.83
CA THR B 95 6.85 -13.44 19.18
C THR B 95 6.23 -12.32 19.98
N ASN B 96 4.98 -12.47 20.39
CA ASN B 96 4.35 -11.40 21.19
C ASN B 96 4.29 -11.66 22.72
N THR B 97 5.08 -10.92 23.49
CA THR B 97 5.05 -11.05 24.92
C THR B 97 3.67 -10.59 25.46
N ALA B 98 3.05 -9.63 24.79
CA ALA B 98 1.69 -9.13 25.13
C ALA B 98 1.00 -8.90 23.77
N ALA B 99 -0.03 -9.68 23.42
CA ALA B 99 -0.79 -9.53 22.22
C ALA B 99 -1.69 -8.29 22.13
N HIS B 100 -1.79 -7.66 20.94
CA HIS B 100 -2.68 -6.52 20.68
C HIS B 100 -3.52 -6.83 19.43
N LYS B 101 -4.53 -6.02 19.21
CA LYS B 101 -5.27 -6.07 17.94
C LYS B 101 -4.41 -5.26 16.98
N THR B 102 -4.43 -5.65 15.72
CA THR B 102 -3.40 -5.27 14.75
C THR B 102 -4.02 -4.65 13.52
N LYS B 103 -3.54 -3.46 13.13
CA LYS B 103 -3.85 -2.89 11.78
C LYS B 103 -3.02 -3.58 10.67
N TYR B 104 -1.72 -3.72 10.94
CA TYR B 104 -0.91 -4.49 10.03
C TYR B 104 0.43 -4.80 10.64
N PHE B 105 0.99 -5.90 10.16
CA PHE B 105 2.43 -6.04 10.09
C PHE B 105 2.91 -5.82 8.64
N ARG B 106 3.80 -4.83 8.45
CA ARG B 106 4.47 -4.58 7.17
C ARG B 106 5.95 -4.93 7.23
N TYR B 107 6.46 -5.27 6.08
CA TYR B 107 7.90 -5.67 5.85
C TYR B 107 8.48 -4.91 4.68
N TYR B 108 9.65 -4.29 4.91
CA TYR B 108 10.36 -3.58 3.87
C TYR B 108 11.71 -4.26 3.70
N ILE B 109 12.36 -3.92 2.59
CA ILE B 109 13.72 -4.45 2.28
C ILE B 109 14.58 -3.30 1.65
N THR B 110 15.88 -3.46 1.83
CA THR B 110 16.87 -2.60 1.18
C THR B 110 17.07 -3.07 -0.27
N PRO B 111 17.63 -2.18 -1.14
CA PRO B 111 17.77 -2.55 -2.53
C PRO B 111 19.04 -3.38 -2.84
N GLN B 112 18.99 -4.15 -3.93
CA GLN B 112 20.22 -4.88 -4.41
C GLN B 112 21.36 -3.82 -4.47
N GLY B 113 22.50 -4.13 -3.89
CA GLY B 113 23.60 -3.17 -3.83
C GLY B 113 23.78 -2.38 -2.54
N TYR B 114 22.84 -2.54 -1.61
CA TYR B 114 22.89 -1.77 -0.38
C TYR B 114 24.27 -1.98 0.27
N ASP B 115 25.01 -0.92 0.64
CA ASP B 115 26.36 -1.19 1.11
C ASP B 115 26.62 -1.01 2.60
N HIS B 116 25.58 -0.62 3.35
CA HIS B 116 25.63 -0.59 4.80
C HIS B 116 26.61 0.46 5.23
N SER B 117 26.87 1.43 4.37
CA SER B 117 27.78 2.51 4.73
C SER B 117 27.08 3.61 5.49
N GLN B 118 25.75 3.68 5.45
CA GLN B 118 25.04 4.81 6.09
C GLN B 118 23.94 4.30 7.02
N PRO B 119 23.59 5.06 8.06
CA PRO B 119 22.46 4.51 8.84
C PRO B 119 21.22 4.33 7.97
N LEU B 120 20.31 3.46 8.41
CA LEU B 120 19.15 3.10 7.55
C LEU B 120 18.22 4.33 7.39
N ARG B 121 17.72 4.62 6.18
CA ARG B 121 16.84 5.79 5.92
C ARG B 121 15.54 5.21 5.41
N TRP B 122 14.44 5.96 5.51
CA TRP B 122 13.18 5.54 4.91
C TRP B 122 13.28 5.27 3.41
N SER B 123 14.09 6.08 2.74
CA SER B 123 14.30 5.93 1.30
C SER B 123 15.11 4.65 0.93
N ASP B 124 15.72 3.95 1.88
CA ASP B 124 16.41 2.65 1.48
C ASP B 124 15.42 1.48 1.39
N LEU B 125 14.16 1.74 1.65
CA LEU B 125 13.30 0.60 1.95
C LEU B 125 12.14 0.43 0.99
N GLN B 126 11.89 -0.79 0.61
CA GLN B 126 10.84 -1.06 -0.36
C GLN B 126 9.82 -1.94 0.29
N LEU B 127 8.56 -1.59 0.25
CA LEU B 127 7.55 -2.44 0.86
C LEU B 127 7.47 -3.83 0.18
N ILE B 128 7.65 -4.90 0.97
CA ILE B 128 7.52 -6.25 0.45
C ILE B 128 6.40 -7.17 1.04
N HIS B 129 5.78 -6.71 2.12
CA HIS B 129 4.68 -7.48 2.73
C HIS B 129 3.79 -6.52 3.57
N ASP B 130 2.49 -6.73 3.49
CA ASP B 130 1.55 -6.11 4.41
C ASP B 130 0.59 -7.22 4.81
N SER B 131 0.65 -7.66 6.05
CA SER B 131 -0.17 -8.77 6.57
C SER B 131 -1.68 -8.49 6.67
N GLY B 132 -2.06 -7.21 6.75
CA GLY B 132 -3.44 -6.86 7.06
C GLY B 132 -3.79 -7.05 8.55
N PRO B 133 -5.01 -6.65 8.94
CA PRO B 133 -5.43 -6.75 10.33
C PRO B 133 -5.46 -8.12 10.92
N ALA B 134 -5.28 -8.20 12.23
CA ALA B 134 -5.47 -9.43 12.98
C ALA B 134 -5.99 -9.07 14.38
N ASP B 135 -6.60 -10.07 15.01
CA ASP B 135 -6.87 -10.01 16.45
C ASP B 135 -5.61 -10.39 17.25
N GLN B 136 -5.72 -10.44 18.57
CA GLN B 136 -4.60 -10.77 19.42
C GLN B 136 -4.09 -12.12 19.03
N GLU B 137 -2.78 -12.21 18.93
CA GLU B 137 -2.05 -13.46 18.62
C GLU B 137 -0.79 -13.51 19.49
N TRP B 138 -0.50 -14.67 20.07
CA TRP B 138 0.76 -14.80 20.80
C TRP B 138 1.97 -14.78 19.86
N VAL B 139 1.74 -15.19 18.62
CA VAL B 139 2.77 -15.41 17.61
C VAL B 139 2.15 -15.00 16.31
N SER B 140 2.78 -14.07 15.61
CA SER B 140 2.22 -13.60 14.33
C SER B 140 3.14 -14.06 13.21
N THR B 141 2.60 -14.85 12.28
CA THR B 141 3.44 -15.55 11.30
C THR B 141 3.02 -15.03 9.95
N HIS B 142 4.02 -14.61 9.19
CA HIS B 142 3.82 -13.91 7.95
C HIS B 142 4.75 -14.47 6.94
N ASN B 143 4.17 -15.00 5.84
CA ASN B 143 4.96 -15.57 4.74
C ASN B 143 5.34 -14.49 3.77
N VAL B 144 6.46 -13.84 4.05
CA VAL B 144 6.95 -12.80 3.20
C VAL B 144 7.60 -13.39 1.97
N ILE B 145 7.23 -12.89 0.79
CA ILE B 145 7.89 -13.24 -0.47
C ILE B 145 9.16 -12.38 -0.65
N LEU B 146 10.32 -13.03 -0.48
CA LEU B 146 11.58 -12.31 -0.53
C LEU B 146 11.91 -12.16 -2.02
N PRO B 147 12.21 -10.91 -2.47
CA PRO B 147 12.55 -10.65 -3.86
C PRO B 147 13.94 -11.24 -4.14
N TYR B 148 14.36 -11.21 -5.41
CA TYR B 148 15.70 -11.67 -5.77
C TYR B 148 16.66 -10.65 -5.15
N ARG B 149 17.67 -11.16 -4.45
CA ARG B 149 18.77 -10.31 -3.93
C ARG B 149 19.94 -11.26 -3.79
N THR B 150 21.12 -10.67 -3.57
CA THR B 150 22.23 -11.42 -3.07
C THR B 150 22.86 -10.50 -2.07
N GLY B 151 23.74 -11.07 -1.23
CA GLY B 151 24.42 -10.25 -0.23
C GLY B 151 23.52 -9.88 0.96
N ARG B 152 24.03 -8.95 1.77
CA ARG B 152 23.47 -8.82 3.09
C ARG B 152 22.47 -7.68 2.99
N HIS B 153 21.33 -7.91 3.62
CA HIS B 153 20.24 -6.95 3.51
C HIS B 153 19.63 -6.69 4.82
N ILE B 154 18.82 -5.64 4.84
CA ILE B 154 18.10 -5.36 6.03
C ILE B 154 16.63 -5.47 5.75
N ILE B 155 15.92 -6.05 6.68
CA ILE B 155 14.51 -6.16 6.50
C ILE B 155 13.99 -5.44 7.71
N TYR B 156 13.09 -4.51 7.45
CA TYR B 156 12.41 -3.76 8.47
C TYR B 156 10.97 -4.21 8.60
N SER B 157 10.63 -4.71 9.79
CA SER B 157 9.25 -5.10 10.06
C SER B 157 8.59 -4.09 10.97
N ILE B 158 7.35 -3.74 10.68
CA ILE B 158 6.70 -2.65 11.47
C ILE B 158 5.36 -3.21 11.95
N TRP B 159 5.13 -3.28 13.27
CA TRP B 159 3.86 -3.78 13.75
C TRP B 159 3.04 -2.60 14.07
N GLN B 160 1.93 -2.37 13.36
CA GLN B 160 1.05 -1.20 13.68
C GLN B 160 -0.11 -1.70 14.52
N ARG B 161 -0.10 -1.38 15.79
CA ARG B 161 -1.24 -1.78 16.65
C ARG B 161 -2.46 -0.96 16.21
N ASP B 162 -3.65 -1.51 16.38
CA ASP B 162 -4.82 -1.07 15.68
C ASP B 162 -5.44 0.00 16.50
N TRP B 163 -5.20 1.25 16.12
CA TRP B 163 -5.66 2.40 16.97
C TRP B 163 -7.16 2.56 16.95
N ASP B 164 -7.83 1.86 16.05
CA ASP B 164 -9.31 1.97 15.97
C ASP B 164 -9.97 1.00 16.91
N ARG B 165 -9.38 -0.18 17.03
CA ARG B 165 -9.92 -1.27 17.86
C ARG B 165 -9.23 -1.35 19.23
N ASP B 166 -8.16 -0.61 19.44
CA ASP B 166 -7.27 -0.96 20.57
C ASP B 166 -6.54 0.27 21.04
N ALA B 167 -5.28 0.49 20.63
CA ALA B 167 -4.57 1.73 20.95
C ALA B 167 -3.53 2.00 19.87
N ALA B 168 -3.01 3.22 19.83
CA ALA B 168 -2.08 3.64 18.81
C ALA B 168 -0.64 3.39 19.28
N GLU B 169 0.00 2.37 18.69
CA GLU B 169 1.34 2.02 19.07
C GLU B 169 2.02 1.35 17.88
N GLY B 170 3.32 1.62 17.72
CA GLY B 170 4.12 0.91 16.77
C GLY B 170 5.30 0.19 17.36
N PHE B 171 5.61 -1.00 16.80
CA PHE B 171 6.84 -1.80 17.10
C PHE B 171 7.69 -2.05 15.82
N TYR B 172 9.03 -1.97 16.01
CA TYR B 172 9.96 -1.71 14.89
C TYR B 172 11.09 -2.75 14.98
N GLN B 173 11.19 -3.56 13.98
CA GLN B 173 12.24 -4.63 13.94
C GLN B 173 13.06 -4.68 12.65
N CYS B 174 14.31 -4.24 12.81
CA CYS B 174 15.40 -4.39 11.91
C CYS B 174 15.92 -5.79 12.00
N ILE B 175 15.76 -6.51 10.90
CA ILE B 175 16.27 -7.90 10.79
C ILE B 175 17.42 -8.01 9.79
N ASP B 176 18.52 -8.65 10.18
CA ASP B 176 19.63 -8.80 9.22
C ASP B 176 19.56 -10.15 8.49
N VAL B 177 19.51 -10.13 7.17
CA VAL B 177 19.40 -11.33 6.39
C VAL B 177 20.53 -11.38 5.38
N ASP B 178 20.89 -12.56 4.93
CA ASP B 178 22.05 -12.68 4.02
C ASP B 178 21.63 -13.66 2.94
N PHE B 179 21.49 -13.17 1.69
CA PHE B 179 21.03 -14.03 0.61
C PHE B 179 22.24 -14.70 -0.07
N GLY B 180 23.45 -14.48 0.43
CA GLY B 180 24.60 -15.23 -0.12
C GLY B 180 25.66 -14.20 -0.47
N HIS C 1 8.98 19.41 -1.58
CA HIS C 1 8.13 19.38 -0.34
C HIS C 1 7.51 20.73 0.06
N GLY C 2 6.21 20.80 0.05
CA GLY C 2 5.60 22.04 0.39
C GLY C 2 4.11 21.92 0.47
N TYR C 3 3.47 23.01 0.88
CA TYR C 3 2.03 23.01 0.99
C TYR C 3 1.54 24.48 0.85
N VAL C 4 0.24 24.62 0.70
CA VAL C 4 -0.37 25.92 0.52
C VAL C 4 -0.75 26.46 1.87
N SER C 5 -0.04 27.55 2.27
CA SER C 5 -0.11 28.09 3.61
C SER C 5 -1.12 29.23 3.70
N SER C 6 -1.50 29.81 2.54
CA SER C 6 -2.37 31.01 2.46
C SER C 6 -3.08 31.12 1.08
N PRO C 7 -4.44 31.08 1.03
CA PRO C 7 -5.34 30.58 2.09
C PRO C 7 -4.85 29.22 2.60
N LYS C 8 -5.25 28.85 3.81
CA LYS C 8 -4.73 27.62 4.38
C LYS C 8 -5.36 26.45 3.68
N SER C 9 -4.53 25.46 3.32
CA SER C 9 -5.10 24.30 2.64
C SER C 9 -5.85 23.38 3.61
N ARG C 10 -6.62 22.42 3.05
CA ARG C 10 -7.31 21.47 3.90
C ARG C 10 -6.40 20.69 4.84
N VAL C 11 -5.23 20.22 4.40
CA VAL C 11 -4.39 19.54 5.35
C VAL C 11 -3.93 20.56 6.44
N ILE C 12 -3.66 21.80 6.06
CA ILE C 12 -3.22 22.79 7.03
C ILE C 12 -4.37 23.05 8.00
N GLN C 13 -5.57 23.23 7.44
CA GLN C 13 -6.74 23.51 8.30
C GLN C 13 -7.00 22.46 9.36
N CYS C 14 -7.02 21.19 9.00
CA CYS C 14 -7.20 20.21 10.05
C CYS C 14 -6.00 19.96 10.94
N LYS C 15 -4.79 20.10 10.39
CA LYS C 15 -3.59 20.00 11.22
C LYS C 15 -3.73 20.94 12.40
N GLU C 16 -4.15 22.16 12.11
CA GLU C 16 -4.18 23.16 13.13
C GLU C 16 -5.36 22.93 14.04
N ASN C 17 -6.39 22.26 13.55
CA ASN C 17 -7.53 21.99 14.41
C ASN C 17 -7.24 20.90 15.46
N GLY C 18 -6.12 20.17 15.28
CA GLY C 18 -5.73 19.16 16.21
C GLY C 18 -5.78 17.79 15.64
N ILE C 19 -4.62 17.24 15.33
CA ILE C 19 -4.57 15.94 14.69
C ILE C 19 -5.13 14.83 15.59
N GLU C 20 -4.65 14.78 16.82
CA GLU C 20 -5.05 13.69 17.69
C GLU C 20 -6.41 13.93 18.33
N ASN C 21 -6.76 15.18 18.61
CA ASN C 21 -8.08 15.45 19.21
C ASN C 21 -8.80 16.60 18.50
N PRO C 22 -9.20 16.39 17.22
CA PRO C 22 -9.88 17.46 16.48
C PRO C 22 -11.18 17.91 17.16
N THR C 23 -11.57 19.14 16.93
CA THR C 23 -12.84 19.64 17.47
C THR C 23 -13.78 20.00 16.36
N HIS C 24 -13.24 20.35 15.19
CA HIS C 24 -14.11 20.64 14.05
C HIS C 24 -14.82 19.40 13.48
N PRO C 25 -16.16 19.43 13.27
CA PRO C 25 -16.78 18.19 12.77
C PRO C 25 -16.12 17.50 11.55
N ALA C 26 -15.66 18.27 10.56
CA ALA C 26 -15.01 17.72 9.36
C ALA C 26 -13.66 17.09 9.63
N CYS C 27 -12.84 17.75 10.46
CA CYS C 27 -11.59 17.16 10.94
C CYS C 27 -11.78 15.92 11.84
N ILE C 28 -12.85 15.88 12.64
CA ILE C 28 -13.20 14.72 13.41
C ILE C 28 -13.56 13.57 12.45
N ALA C 29 -14.38 13.85 11.42
CA ALA C 29 -14.68 12.85 10.38
C ALA C 29 -13.37 12.44 9.69
N ALA C 30 -12.47 13.40 9.49
CA ALA C 30 -11.26 13.09 8.70
C ALA C 30 -10.36 12.20 9.48
N LYS C 31 -10.23 12.46 10.79
CA LYS C 31 -9.59 11.54 11.73
C LYS C 31 -10.16 10.11 11.59
N ALA C 32 -11.48 9.92 11.73
CA ALA C 32 -12.05 8.56 11.52
C ALA C 32 -11.66 7.90 10.23
N ALA C 33 -11.51 8.64 9.13
CA ALA C 33 -11.29 7.99 7.84
C ALA C 33 -9.81 7.93 7.45
N GLY C 34 -8.95 8.70 8.15
CA GLY C 34 -7.48 8.63 8.00
C GLY C 34 -6.82 9.99 7.97
N ASN C 35 -6.07 10.31 9.01
CA ASN C 35 -5.43 11.58 9.13
C ASN C 35 -4.01 11.57 9.71
N GLY C 36 -3.35 10.41 9.76
CA GLY C 36 -2.01 10.35 10.38
C GLY C 36 -1.05 11.07 9.49
N GLY C 37 -1.44 11.24 8.23
CA GLY C 37 -0.68 12.05 7.28
C GLY C 37 -0.63 13.57 7.62
N LEU C 38 -1.51 14.07 8.50
CA LEU C 38 -1.61 15.50 8.69
C LEU C 38 -0.37 16.11 9.32
N TYR C 39 0.54 15.25 9.84
CA TYR C 39 1.77 15.77 10.45
C TYR C 39 2.74 16.13 9.35
N THR C 40 2.47 15.66 8.14
CA THR C 40 3.38 15.99 7.07
C THR C 40 2.64 16.67 5.92
N PRO C 41 2.02 17.87 6.19
CA PRO C 41 1.24 18.49 5.10
C PRO C 41 2.10 18.80 3.81
N GLN C 42 3.35 19.17 4.01
CA GLN C 42 4.35 19.26 2.92
C GLN C 42 4.60 18.03 2.02
N GLU C 43 3.98 16.87 2.29
CA GLU C 43 4.25 15.70 1.44
C GLU C 43 2.96 14.99 1.03
N VAL C 44 2.03 15.74 0.46
CA VAL C 44 0.89 15.17 -0.24
C VAL C 44 1.40 14.98 -1.66
N ALA C 45 2.24 13.95 -1.82
CA ALA C 45 3.15 13.78 -2.91
C ALA C 45 2.90 12.46 -3.64
N VAL C 46 3.20 12.49 -4.95
CA VAL C 46 3.24 11.30 -5.78
C VAL C 46 4.59 11.32 -6.47
N GLY C 47 5.42 10.27 -6.31
CA GLY C 47 6.65 10.19 -7.09
C GLY C 47 6.35 9.82 -8.55
N GLY C 48 7.18 10.30 -9.47
CA GLY C 48 7.12 9.84 -10.83
C GLY C 48 6.25 10.59 -11.79
N VAL C 49 5.36 11.48 -11.28
CA VAL C 49 4.43 12.27 -12.10
C VAL C 49 5.14 13.25 -13.03
N ARG C 50 4.69 13.29 -14.28
CA ARG C 50 5.17 14.23 -15.30
C ARG C 50 3.95 14.75 -16.07
N ASP C 51 3.25 15.75 -15.48
CA ASP C 51 2.18 16.43 -16.10
C ASP C 51 1.15 15.40 -16.55
N ASN C 52 0.84 14.43 -15.67
CA ASN C 52 -0.14 13.38 -16.00
C ASN C 52 -0.80 12.98 -14.69
N HIS C 53 -1.27 13.99 -13.97
CA HIS C 53 -1.71 13.80 -12.58
C HIS C 53 -2.84 12.76 -12.52
N ASP C 54 -3.65 12.65 -13.57
CA ASP C 54 -4.91 11.94 -13.38
C ASP C 54 -4.79 10.47 -13.63
N TYR C 55 -3.67 10.07 -14.26
CA TYR C 55 -3.26 8.71 -14.28
C TYR C 55 -2.89 8.23 -12.87
N TYR C 56 -2.20 9.08 -12.10
CA TYR C 56 -1.70 8.69 -10.79
C TYR C 56 -2.67 8.75 -9.64
N ILE C 57 -3.70 9.60 -9.77
CA ILE C 57 -4.61 9.96 -8.64
C ILE C 57 -6.00 9.74 -9.15
N PRO C 58 -6.72 8.73 -8.61
CA PRO C 58 -8.04 8.32 -9.14
C PRO C 58 -9.05 9.38 -8.64
N ASP C 59 -10.21 9.49 -9.28
CA ASP C 59 -11.22 10.40 -8.73
C ASP C 59 -11.47 9.95 -7.31
N GLY C 60 -11.76 10.90 -6.43
CA GLY C 60 -12.14 10.60 -5.06
C GLY C 60 -10.93 10.57 -4.14
N ARG C 61 -9.72 10.60 -4.73
CA ARG C 61 -8.46 10.61 -4.01
C ARG C 61 -7.56 11.83 -4.29
N LEU C 62 -8.18 12.90 -4.84
CA LEU C 62 -7.49 14.11 -5.22
C LEU C 62 -6.85 14.86 -4.05
N CYS C 63 -7.63 15.07 -2.95
CA CYS C 63 -7.11 15.77 -1.75
C CYS C 63 -6.10 14.91 -0.93
N SER C 64 -6.18 13.61 -1.00
CA SER C 64 -5.19 12.71 -0.32
C SER C 64 -4.03 12.32 -1.14
N ALA C 65 -4.07 12.63 -2.44
CA ALA C 65 -3.10 12.05 -3.41
C ALA C 65 -3.06 10.53 -3.37
N ASN C 66 -4.19 9.91 -2.99
CA ASN C 66 -4.30 8.46 -2.85
C ASN C 66 -3.36 7.80 -1.78
N ARG C 67 -3.03 8.59 -0.78
CA ARG C 67 -2.22 8.20 0.36
C ARG C 67 -3.17 7.86 1.47
N ALA C 68 -3.15 6.60 1.91
CA ALA C 68 -4.12 6.17 2.96
C ALA C 68 -4.17 7.01 4.27
N ASN C 69 -3.06 7.55 4.76
CA ASN C 69 -3.12 8.17 6.06
C ASN C 69 -3.69 9.59 5.93
N LEU C 70 -4.14 9.93 4.73
CA LEU C 70 -4.84 11.17 4.49
C LEU C 70 -6.25 10.90 3.90
N PHE C 71 -6.74 9.63 3.80
CA PHE C 71 -8.04 9.41 3.12
C PHE C 71 -9.14 10.33 3.74
N GLY C 72 -9.00 10.70 5.02
CA GLY C 72 -9.92 11.64 5.65
C GLY C 72 -10.03 12.94 4.87
N MET C 73 -9.00 13.26 4.05
CA MET C 73 -8.99 14.45 3.21
C MET C 73 -9.91 14.35 1.98
N ASP C 74 -10.50 13.19 1.75
CA ASP C 74 -11.24 12.95 0.51
C ASP C 74 -12.74 13.00 0.75
N LEU C 75 -13.12 13.03 2.02
CA LEU C 75 -14.51 13.17 2.42
C LEU C 75 -15.26 14.40 1.85
N ALA C 76 -16.47 14.20 1.40
CA ALA C 76 -17.20 15.26 0.71
C ALA C 76 -17.95 15.95 1.79
N ARG C 77 -17.75 17.24 1.96
CA ARG C 77 -18.38 17.95 3.08
C ARG C 77 -18.59 19.45 2.80
N ASN C 78 -19.73 20.00 3.26
CA ASN C 78 -19.97 21.39 2.96
C ASN C 78 -19.50 22.29 4.07
N ASP C 79 -18.69 21.77 4.98
CA ASP C 79 -18.34 22.50 6.18
C ASP C 79 -16.87 22.42 6.49
N TRP C 80 -16.06 22.10 5.48
CA TRP C 80 -14.63 22.17 5.66
C TRP C 80 -14.31 23.58 6.15
N PRO C 81 -13.31 23.72 7.01
CA PRO C 81 -12.84 25.04 7.38
C PRO C 81 -12.40 25.90 6.19
N ALA C 82 -13.12 26.99 5.89
CA ALA C 82 -12.90 27.70 4.60
C ALA C 82 -12.32 29.11 4.77
N THR C 83 -11.54 29.57 3.80
CA THR C 83 -11.16 30.97 3.77
C THR C 83 -12.18 31.71 2.92
N SER C 84 -12.59 32.88 3.41
CA SER C 84 -13.43 33.79 2.65
C SER C 84 -12.62 34.34 1.53
N VAL C 85 -13.19 34.24 0.33
CA VAL C 85 -12.56 34.85 -0.85
C VAL C 85 -13.58 35.57 -1.73
N THR C 86 -13.12 36.45 -2.64
CA THR C 86 -14.02 37.02 -3.63
C THR C 86 -13.43 36.86 -5.04
N PRO C 87 -14.29 37.08 -6.09
CA PRO C 87 -13.71 37.12 -7.42
C PRO C 87 -12.60 38.22 -7.57
N GLY C 88 -11.59 37.96 -8.36
CA GLY C 88 -10.53 38.96 -8.45
C GLY C 88 -9.20 38.33 -8.07
N ALA C 89 -8.15 39.17 -8.09
CA ALA C 89 -6.81 38.68 -7.72
C ALA C 89 -6.84 38.13 -6.29
N ARG C 90 -6.00 37.18 -5.95
CA ARG C 90 -5.92 36.65 -4.61
C ARG C 90 -4.59 35.91 -4.50
N GLU C 91 -3.64 36.38 -3.67
CA GLU C 91 -2.36 35.63 -3.51
C GLU C 91 -2.59 34.22 -2.94
N PHE C 92 -1.88 33.22 -3.47
CA PHE C 92 -1.93 31.88 -2.93
C PHE C 92 -0.48 31.54 -2.71
N VAL C 93 -0.13 31.07 -1.52
CA VAL C 93 1.26 30.94 -1.21
C VAL C 93 1.59 29.51 -0.83
N TRP C 94 2.62 28.96 -1.46
CA TRP C 94 3.14 27.64 -1.10
C TRP C 94 4.36 27.88 -0.20
N THR C 95 4.29 27.33 1.01
CA THR C 95 5.44 27.34 1.86
C THR C 95 6.13 26.03 1.52
N ASN C 96 7.38 26.16 1.15
CA ASN C 96 8.17 25.01 0.75
C ASN C 96 9.19 24.61 1.82
N THR C 97 9.01 23.41 2.40
CA THR C 97 9.92 22.94 3.46
C THR C 97 11.24 22.52 2.81
N ALA C 98 11.14 22.13 1.54
CA ALA C 98 12.28 21.77 0.71
C ALA C 98 11.98 22.20 -0.72
N ALA C 99 12.73 23.22 -1.14
CA ALA C 99 12.54 23.82 -2.47
C ALA C 99 12.99 22.92 -3.63
N HIS C 100 12.31 23.07 -4.75
CA HIS C 100 12.62 22.31 -5.92
C HIS C 100 12.56 23.25 -7.09
N LYS C 101 13.19 22.84 -8.19
CA LYS C 101 12.93 23.48 -9.47
C LYS C 101 11.53 23.06 -9.93
N THR C 102 10.79 24.06 -10.42
CA THR C 102 9.37 23.91 -10.71
C THR C 102 9.12 24.01 -12.19
N LYS C 103 8.27 23.11 -12.70
CA LYS C 103 7.76 23.16 -14.06
C LYS C 103 6.52 24.08 -14.04
N TYR C 104 5.68 23.95 -13.03
CA TYR C 104 4.53 24.88 -12.87
C TYR C 104 3.81 24.63 -11.58
N PHE C 105 2.97 25.60 -11.19
CA PHE C 105 2.02 25.32 -10.14
C PHE C 105 0.75 25.73 -10.84
N ARG C 106 -0.20 24.80 -10.93
CA ARG C 106 -1.51 25.06 -11.49
C ARG C 106 -2.52 25.16 -10.37
N TYR C 107 -3.52 26.06 -10.55
CA TYR C 107 -4.68 26.08 -9.66
C TYR C 107 -5.94 25.79 -10.47
N TYR C 108 -6.85 25.01 -9.90
CA TYR C 108 -8.11 24.64 -10.53
C TYR C 108 -9.23 25.05 -9.51
N ILE C 109 -10.49 25.04 -9.97
CA ILE C 109 -11.62 25.40 -9.12
C ILE C 109 -12.85 24.61 -9.50
N THR C 110 -13.71 24.33 -8.52
CA THR C 110 -14.97 23.64 -8.79
C THR C 110 -15.96 24.59 -9.51
N PRO C 111 -17.06 24.06 -10.02
CA PRO C 111 -17.87 24.92 -10.83
C PRO C 111 -18.96 25.57 -10.00
N GLN C 112 -19.52 26.64 -10.51
CA GLN C 112 -20.69 27.22 -9.89
C GLN C 112 -21.73 26.16 -9.64
N GLY C 113 -22.27 26.16 -8.42
CA GLY C 113 -23.30 25.24 -8.05
C GLY C 113 -22.74 24.00 -7.38
N TYR C 114 -21.41 23.93 -7.22
CA TYR C 114 -20.80 22.70 -6.67
C TYR C 114 -21.41 22.42 -5.28
N ASP C 115 -21.82 21.19 -5.01
CA ASP C 115 -22.58 20.98 -3.77
C ASP C 115 -21.91 20.00 -2.79
N HIS C 116 -20.63 19.65 -3.03
CA HIS C 116 -19.90 18.92 -2.00
C HIS C 116 -20.60 17.61 -1.54
N SER C 117 -21.45 17.03 -2.39
CA SER C 117 -22.11 15.77 -2.06
C SER C 117 -21.25 14.52 -2.37
N GLN C 118 -20.18 14.69 -3.11
CA GLN C 118 -19.38 13.55 -3.52
C GLN C 118 -17.92 13.90 -3.43
N PRO C 119 -17.05 12.89 -3.27
CA PRO C 119 -15.64 13.22 -3.31
C PRO C 119 -15.25 14.02 -4.57
N LEU C 120 -14.19 14.80 -4.47
CA LEU C 120 -13.66 15.54 -5.61
C LEU C 120 -13.20 14.73 -6.81
N ARG C 121 -13.74 15.03 -7.99
CA ARG C 121 -13.33 14.33 -9.21
C ARG C 121 -12.59 15.32 -10.10
N TRP C 122 -11.66 14.82 -10.89
CA TRP C 122 -11.00 15.62 -11.92
C TRP C 122 -11.98 16.42 -12.80
N SER C 123 -13.08 15.78 -13.19
CA SER C 123 -14.09 16.41 -14.02
C SER C 123 -14.75 17.59 -13.31
N ASP C 124 -14.61 17.68 -11.98
CA ASP C 124 -15.09 18.87 -11.24
C ASP C 124 -14.15 20.07 -11.35
N LEU C 125 -13.00 19.94 -12.03
CA LEU C 125 -12.00 21.01 -11.98
C LEU C 125 -11.78 21.80 -13.29
N GLN C 126 -11.80 23.13 -13.18
CA GLN C 126 -11.53 24.11 -14.26
C GLN C 126 -10.23 24.83 -13.92
N LEU C 127 -9.35 25.03 -14.91
CA LEU C 127 -8.04 25.63 -14.65
C LEU C 127 -8.22 27.09 -14.55
N ILE C 128 -7.66 27.70 -13.49
CA ILE C 128 -7.71 29.13 -13.33
C ILE C 128 -6.36 29.78 -13.13
N HIS C 129 -5.28 29.00 -12.97
CA HIS C 129 -3.94 29.60 -12.96
C HIS C 129 -2.89 28.57 -13.35
N ASP C 130 -1.89 29.05 -14.07
CA ASP C 130 -0.64 28.31 -14.32
C ASP C 130 0.48 29.34 -14.16
N SER C 131 1.25 29.23 -13.09
CA SER C 131 2.40 30.12 -12.77
C SER C 131 3.60 29.93 -13.73
N GLY C 132 3.57 28.92 -14.58
CA GLY C 132 4.77 28.53 -15.35
C GLY C 132 5.99 28.12 -14.52
N PRO C 133 7.15 27.87 -15.19
CA PRO C 133 8.33 27.36 -14.44
C PRO C 133 8.94 28.35 -13.44
N ALA C 134 9.73 27.80 -12.51
CA ALA C 134 10.48 28.59 -11.54
C ALA C 134 11.69 27.80 -11.06
N ASP C 135 12.68 28.49 -10.54
CA ASP C 135 13.72 27.86 -9.74
C ASP C 135 13.24 27.61 -8.32
N GLN C 136 14.09 26.93 -7.55
CA GLN C 136 13.87 26.74 -6.09
C GLN C 136 13.45 28.04 -5.44
N GLU C 137 12.32 28.03 -4.73
CA GLU C 137 11.92 29.17 -3.89
C GLU C 137 11.51 28.62 -2.52
N TRP C 138 11.84 29.35 -1.45
CA TRP C 138 11.31 29.06 -0.07
C TRP C 138 9.82 29.25 0.07
N VAL C 139 9.29 30.24 -0.64
CA VAL C 139 7.87 30.48 -0.69
C VAL C 139 7.56 30.81 -2.13
N SER C 140 6.53 30.17 -2.68
CA SER C 140 6.10 30.40 -4.06
C SER C 140 4.73 31.05 -4.02
N THR C 141 4.60 32.23 -4.62
CA THR C 141 3.42 33.13 -4.45
C THR C 141 2.85 33.42 -5.80
N HIS C 142 1.54 33.29 -5.89
CA HIS C 142 0.81 33.19 -7.13
C HIS C 142 -0.41 34.06 -6.96
N ASN C 143 -0.49 35.06 -7.82
CA ASN C 143 -1.66 35.91 -7.84
C ASN C 143 -2.71 35.32 -8.77
N VAL C 144 -3.53 34.45 -8.22
CA VAL C 144 -4.56 33.73 -8.96
C VAL C 144 -5.75 34.66 -9.14
N ILE C 145 -6.24 34.80 -10.38
CA ILE C 145 -7.50 35.47 -10.56
C ILE C 145 -8.65 34.47 -10.36
N LEU C 146 -9.36 34.59 -9.24
CA LEU C 146 -10.55 33.81 -9.03
C LEU C 146 -11.69 34.26 -9.97
N PRO C 147 -12.39 33.29 -10.62
CA PRO C 147 -13.53 33.65 -11.43
C PRO C 147 -14.72 33.92 -10.52
N TYR C 148 -15.80 34.36 -11.13
CA TYR C 148 -17.00 34.63 -10.43
C TYR C 148 -17.61 33.30 -9.99
N ARG C 149 -17.83 33.21 -8.69
CA ARG C 149 -18.43 32.05 -8.02
C ARG C 149 -19.23 32.62 -6.85
N THR C 150 -20.24 31.88 -6.44
CA THR C 150 -20.79 32.11 -5.13
C THR C 150 -20.73 30.82 -4.29
N GLY C 151 -20.91 31.00 -2.99
CA GLY C 151 -20.77 29.95 -2.01
C GLY C 151 -19.39 29.27 -1.93
N ARG C 152 -19.44 27.98 -1.57
CA ARG C 152 -18.30 27.28 -1.05
C ARG C 152 -17.65 26.51 -2.12
N HIS C 153 -16.35 26.71 -2.29
CA HIS C 153 -15.59 26.01 -3.39
C HIS C 153 -14.34 25.24 -2.95
N ILE C 154 -13.83 24.34 -3.81
CA ILE C 154 -12.59 23.64 -3.52
C ILE C 154 -11.64 24.15 -4.59
N ILE C 155 -10.51 24.74 -4.15
CA ILE C 155 -9.47 25.07 -5.07
C ILE C 155 -8.45 23.91 -5.04
N TYR C 156 -7.89 23.56 -6.17
CA TYR C 156 -6.90 22.46 -6.16
C TYR C 156 -5.67 22.99 -6.78
N SER C 157 -4.57 22.98 -6.02
CA SER C 157 -3.34 23.44 -6.56
C SER C 157 -2.42 22.22 -6.73
N ILE C 158 -1.64 22.25 -7.79
CA ILE C 158 -0.78 21.10 -8.13
C ILE C 158 0.58 21.62 -8.35
N TRP C 159 1.55 21.05 -7.63
CA TRP C 159 2.88 21.56 -7.79
C TRP C 159 3.62 20.55 -8.58
N GLN C 160 4.01 20.91 -9.80
CA GLN C 160 4.70 19.93 -10.65
C GLN C 160 6.19 20.26 -10.55
N ARG C 161 6.93 19.33 -9.98
CA ARG C 161 8.37 19.50 -9.89
C ARG C 161 8.94 19.28 -11.30
N ASP C 162 10.13 19.84 -11.56
CA ASP C 162 10.60 19.88 -12.96
C ASP C 162 11.41 18.67 -13.31
N TRP C 163 10.80 17.68 -13.98
CA TRP C 163 11.49 16.41 -14.23
C TRP C 163 12.59 16.57 -15.29
N ASP C 164 12.58 17.70 -16.00
CA ASP C 164 13.67 17.98 -16.95
C ASP C 164 14.91 18.51 -16.25
N ARG C 165 14.69 19.26 -15.17
CA ARG C 165 15.82 19.86 -14.48
C ARG C 165 16.06 19.28 -13.09
N ASP C 166 15.25 18.32 -12.67
CA ASP C 166 15.25 17.96 -11.24
C ASP C 166 14.79 16.54 -10.99
N ALA C 167 13.53 16.34 -10.63
CA ALA C 167 12.95 14.99 -10.54
C ALA C 167 11.46 15.09 -10.83
N ALA C 168 10.84 13.95 -11.16
CA ALA C 168 9.41 13.92 -11.36
C ALA C 168 8.68 13.75 -10.03
N GLU C 169 7.79 14.68 -9.65
CA GLU C 169 7.07 14.50 -8.41
C GLU C 169 6.00 15.57 -8.52
N GLY C 170 4.94 15.39 -7.77
CA GLY C 170 3.82 16.36 -7.76
C GLY C 170 3.35 16.50 -6.33
N PHE C 171 2.80 17.67 -5.97
CA PHE C 171 2.38 17.94 -4.63
C PHE C 171 1.01 18.51 -4.90
N TYR C 172 0.06 18.14 -4.03
CA TYR C 172 -1.38 18.32 -4.28
C TYR C 172 -2.03 18.92 -3.06
N GLN C 173 -2.70 20.08 -3.23
CA GLN C 173 -3.28 20.78 -2.12
C GLN C 173 -4.69 21.16 -2.47
N CYS C 174 -5.62 20.38 -1.96
CA CYS C 174 -6.98 20.85 -1.88
C CYS C 174 -7.10 22.01 -0.90
N ILE C 175 -7.90 22.99 -1.29
CA ILE C 175 -8.08 24.20 -0.50
C ILE C 175 -9.54 24.63 -0.46
N ASP C 176 -10.12 24.78 0.72
CA ASP C 176 -11.54 25.21 0.87
C ASP C 176 -11.73 26.68 0.98
N VAL C 177 -12.61 27.22 0.14
CA VAL C 177 -12.83 28.66 0.04
C VAL C 177 -14.33 28.92 0.02
N ASP C 178 -14.68 30.14 0.39
CA ASP C 178 -16.09 30.49 0.46
C ASP C 178 -16.24 31.89 -0.19
N PHE C 179 -17.01 31.97 -1.28
CA PHE C 179 -17.19 33.28 -1.97
C PHE C 179 -18.33 34.00 -1.34
N GLY C 180 -18.95 33.39 -0.34
CA GLY C 180 -20.11 33.99 0.29
C GLY C 180 -21.31 34.08 -0.62
#